data_6F6Z
#
_entry.id   6F6Z
#
_cell.length_a   160.360
_cell.length_b   89.160
_cell.length_c   66.560
_cell.angle_alpha   90.00
_cell.angle_beta   97.47
_cell.angle_gamma   90.00
#
_symmetry.space_group_name_H-M   'C 1 2 1'
#
loop_
_entity.id
_entity.type
_entity.pdbx_description
1 polymer 'Thymidylate synthase'
2 non-polymer "2'-deoxy-N-hydroxycytidine 5'-(dihydrogen phosphate)"
3 non-polymer '(2~{S})-2-[[4-[[(6~{R})-2-azanyl-4-oxidanylidene-5,6,7,8-tetrahydro-1~{H}-pteridin-6-yl]methyl-methyl-amino]phenyl]carbonylamino]pentanedioic acid'
4 water water
#
_entity_poly.entity_id   1
_entity_poly.type   'polypeptide(L)'
_entity_poly.pdbx_seq_one_letter_code
;MLVVGSELQSDAQQLSAEAPRHGELQYLRQVEHILRCGFKKEDRTGTGTLSVFGMQARYSLRDEFPLLTTKRVFWKGVLE
ELLWFIKGSTNAKELSSKGVRIWDANGSRDFLDSLGFSARQEGDLGPVYGFQWRHFGAEYKDMDSDYSGQGVDQLQKVID
TIKTNPDDRRIIMCAWNPKDLPLMALPPCHALCQFYVVNGELSCQLYQRSGDMGLGVPFNIASYALLTYMIAHITGLQPG
DFVHTLGDAHIYLNHIEPLKIQLQREPRPFPKLKILRKVETIDDFKVEDFQIEGYNPHPTIKMEMAV
;
_entity_poly.pdbx_strand_id   A,B
#
# COMPACT_ATOMS: atom_id res chain seq x y z
N ARG A 21 18.95 -19.55 2.44
CA ARG A 21 19.21 -18.17 2.85
C ARG A 21 19.39 -17.21 1.68
N HIS A 22 19.54 -17.71 0.46
CA HIS A 22 19.63 -16.80 -0.69
C HIS A 22 18.30 -16.08 -0.89
N GLY A 23 18.35 -14.74 -0.99
CA GLY A 23 17.13 -13.97 -1.06
C GLY A 23 16.25 -14.33 -2.25
N GLU A 24 16.87 -14.75 -3.36
CA GLU A 24 16.13 -15.05 -4.58
C GLU A 24 15.19 -16.22 -4.40
N LEU A 25 15.45 -17.09 -3.43
CA LEU A 25 14.53 -18.20 -3.20
C LEU A 25 13.12 -17.72 -2.91
N GLN A 26 12.99 -16.54 -2.29
CA GLN A 26 11.66 -16.00 -2.02
C GLN A 26 10.89 -15.76 -3.31
N TYR A 27 11.54 -15.15 -4.31
CA TYR A 27 10.90 -14.95 -5.59
C TYR A 27 10.53 -16.29 -6.23
N LEU A 28 11.43 -17.26 -6.17
CA LEU A 28 11.16 -18.56 -6.78
C LEU A 28 10.05 -19.30 -6.04
N ARG A 29 10.01 -19.18 -4.71
CA ARG A 29 8.91 -19.77 -3.94
C ARG A 29 7.57 -19.16 -4.32
N GLN A 30 7.52 -17.84 -4.54
CA GLN A 30 6.27 -17.20 -4.93
C GLN A 30 5.81 -17.69 -6.30
N VAL A 31 6.73 -17.73 -7.27
CA VAL A 31 6.38 -18.25 -8.59
C VAL A 31 5.83 -19.67 -8.48
N GLU A 32 6.53 -20.52 -7.70
CA GLU A 32 6.06 -21.88 -7.48
C GLU A 32 4.69 -21.88 -6.79
N HIS A 33 4.49 -21.02 -5.81
CA HIS A 33 3.21 -21.01 -5.12
C HIS A 33 2.08 -20.64 -6.07
N ILE A 34 2.32 -19.70 -6.98
CA ILE A 34 1.27 -19.33 -7.93
C ILE A 34 1.01 -20.49 -8.89
N LEU A 35 2.08 -21.16 -9.34
CA LEU A 35 1.90 -22.27 -10.27
C LEU A 35 1.15 -23.42 -9.61
N ARG A 36 1.35 -23.64 -8.32
CA ARG A 36 0.72 -24.75 -7.63
C ARG A 36 -0.67 -24.39 -7.10
N CYS A 37 -0.80 -23.22 -6.47
CA CYS A 37 -2.01 -22.88 -5.74
C CYS A 37 -2.76 -21.69 -6.31
N GLY A 38 -2.24 -21.01 -7.33
CA GLY A 38 -2.96 -19.89 -7.90
C GLY A 38 -4.22 -20.32 -8.64
N PHE A 39 -5.12 -19.36 -8.82
CA PHE A 39 -6.35 -19.61 -9.56
C PHE A 39 -6.27 -19.03 -10.96
N LYS A 40 -6.90 -19.74 -11.89
CA LYS A 40 -7.10 -19.19 -13.22
C LYS A 40 -7.91 -17.91 -13.11
N LYS A 41 -7.48 -16.88 -13.83
CA LYS A 41 -8.15 -15.59 -13.73
C LYS A 41 -7.99 -14.87 -15.06
N GLU A 42 -9.11 -14.45 -15.63
CA GLU A 42 -9.08 -13.64 -16.84
C GLU A 42 -8.51 -12.27 -16.52
N ASP A 43 -8.07 -11.57 -17.55
CA ASP A 43 -7.45 -10.27 -17.32
C ASP A 43 -7.69 -9.35 -18.50
N ARG A 44 -7.35 -8.08 -18.27
CA ARG A 44 -7.60 -7.03 -19.25
C ARG A 44 -6.99 -7.35 -20.60
N THR A 45 -5.76 -7.91 -20.62
CA THR A 45 -5.08 -8.16 -21.89
C THR A 45 -5.68 -9.32 -22.66
N GLY A 46 -6.62 -10.06 -22.08
CA GLY A 46 -7.16 -11.25 -22.71
C GLY A 46 -6.25 -12.45 -22.71
N THR A 47 -5.05 -12.36 -22.13
CA THR A 47 -4.14 -13.49 -22.14
C THR A 47 -4.53 -14.56 -21.12
N GLY A 48 -5.02 -14.14 -19.96
CA GLY A 48 -5.29 -15.11 -18.89
C GLY A 48 -4.09 -15.33 -17.99
N THR A 49 -4.37 -15.67 -16.74
CA THR A 49 -3.31 -15.80 -15.76
C THR A 49 -3.65 -16.87 -14.73
N LEU A 50 -2.62 -17.25 -13.98
CA LEU A 50 -2.74 -17.93 -12.70
C LEU A 50 -2.38 -16.90 -11.64
N SER A 51 -3.27 -16.70 -10.67
CA SER A 51 -3.23 -15.50 -9.85
C SER A 51 -3.35 -15.84 -8.37
N VAL A 52 -2.60 -15.12 -7.55
CA VAL A 52 -2.71 -15.15 -6.09
C VAL A 52 -2.83 -13.71 -5.62
N PHE A 53 -3.69 -13.46 -4.63
CA PHE A 53 -3.89 -12.12 -4.13
C PHE A 53 -3.24 -11.98 -2.77
N GLY A 54 -2.23 -11.11 -2.68
CA GLY A 54 -1.58 -10.84 -1.41
C GLY A 54 -0.31 -11.67 -1.23
N MET A 55 0.86 -11.06 -1.46
CA MET A 55 2.12 -11.74 -1.20
C MET A 55 3.11 -10.73 -0.67
N GLN A 56 4.16 -11.25 -0.04
CA GLN A 56 5.18 -10.39 0.54
C GLN A 56 6.50 -11.11 0.57
N ALA A 57 7.57 -10.40 0.24
CA ALA A 57 8.93 -10.91 0.36
C ALA A 57 9.84 -9.80 0.89
N ARG A 58 10.95 -10.21 1.51
CA ARG A 58 11.93 -9.30 2.10
C ARG A 58 13.29 -9.57 1.48
N TYR A 59 13.86 -8.58 0.80
CA TYR A 59 15.17 -8.69 0.19
C TYR A 59 16.17 -7.85 0.97
N SER A 60 17.16 -8.50 1.57
CA SER A 60 18.20 -7.76 2.26
C SER A 60 18.97 -6.90 1.27
N LEU A 61 19.30 -5.69 1.68
CA LEU A 61 20.11 -4.78 0.89
C LEU A 61 21.49 -4.60 1.49
N ARG A 62 21.85 -5.42 2.48
CA ARG A 62 23.06 -5.26 3.27
C ARG A 62 24.21 -5.99 2.58
N ASP A 63 25.07 -5.22 1.92
CA ASP A 63 26.25 -5.73 1.23
C ASP A 63 25.90 -6.69 0.09
N GLU A 64 24.69 -6.57 -0.45
CA GLU A 64 24.28 -7.32 -1.64
C GLU A 64 23.17 -6.52 -2.29
N PHE A 65 22.91 -6.81 -3.57
CA PHE A 65 21.89 -6.12 -4.34
C PHE A 65 21.04 -7.16 -5.04
N PRO A 66 19.65 -7.15 -4.83
CA PRO A 66 18.78 -8.23 -5.32
C PRO A 66 18.48 -8.10 -6.80
N LEU A 67 19.52 -8.22 -7.62
CA LEU A 67 19.32 -8.37 -9.06
C LEU A 67 19.27 -9.87 -9.35
N LEU A 68 18.11 -10.35 -9.80
CA LEU A 68 17.89 -11.79 -9.87
C LEU A 68 18.93 -12.45 -10.77
N THR A 69 19.35 -13.66 -10.39
CA THR A 69 20.37 -14.39 -11.13
C THR A 69 19.86 -15.58 -11.92
N THR A 70 18.65 -16.09 -11.65
CA THR A 70 18.14 -17.22 -12.42
C THR A 70 17.70 -16.84 -13.83
N LYS A 71 17.67 -15.54 -14.14
CA LYS A 71 17.64 -15.06 -15.51
C LYS A 71 18.22 -13.66 -15.49
N ARG A 72 18.77 -13.24 -16.63
CA ARG A 72 19.37 -11.91 -16.71
C ARG A 72 18.29 -10.83 -16.64
N VAL A 73 18.50 -9.86 -15.74
CA VAL A 73 17.61 -8.70 -15.61
C VAL A 73 18.22 -7.52 -16.36
N PHE A 74 17.37 -6.80 -17.09
CA PHE A 74 17.77 -5.66 -17.92
C PHE A 74 18.20 -4.49 -17.04
N TRP A 75 19.40 -4.60 -16.46
CA TRP A 75 19.80 -3.62 -15.45
C TRP A 75 19.84 -2.21 -16.02
N LYS A 76 20.28 -2.06 -17.28
CA LYS A 76 20.32 -0.72 -17.85
C LYS A 76 18.94 -0.07 -17.83
N GLY A 77 17.90 -0.83 -18.16
CA GLY A 77 16.56 -0.27 -18.12
C GLY A 77 16.17 0.16 -16.72
N VAL A 78 16.50 -0.66 -15.73
CA VAL A 78 16.19 -0.31 -14.34
C VAL A 78 16.77 1.04 -14.02
N LEU A 79 18.06 1.23 -14.34
CA LEU A 79 18.75 2.45 -13.96
C LEU A 79 18.21 3.66 -14.71
N GLU A 80 18.08 3.55 -16.05
CA GLU A 80 17.61 4.70 -16.80
C GLU A 80 16.18 5.06 -16.40
N GLU A 81 15.33 4.05 -16.21
CA GLU A 81 13.95 4.34 -15.86
C GLU A 81 13.88 5.15 -14.57
N LEU A 82 14.66 4.76 -13.56
CA LEU A 82 14.58 5.44 -12.28
C LEU A 82 15.07 6.88 -12.38
N LEU A 83 16.19 7.10 -13.09
CA LEU A 83 16.68 8.46 -13.29
C LEU A 83 15.66 9.28 -14.03
N TRP A 84 14.95 8.65 -14.96
CA TRP A 84 13.87 9.29 -15.70
C TRP A 84 12.70 9.63 -14.79
N PHE A 85 12.35 8.73 -13.86
CA PHE A 85 11.36 9.05 -12.82
C PHE A 85 11.80 10.26 -12.02
N ILE A 86 13.05 10.25 -11.55
CA ILE A 86 13.50 11.24 -10.57
C ILE A 86 13.42 12.64 -11.15
N LYS A 87 13.77 12.81 -12.41
CA LYS A 87 13.72 14.16 -12.96
C LYS A 87 12.31 14.55 -13.39
N GLY A 88 11.32 13.75 -13.05
CA GLY A 88 9.93 14.10 -13.25
C GLY A 88 9.38 13.86 -14.64
N SER A 89 10.08 13.12 -15.48
CA SER A 89 9.65 13.00 -16.87
C SER A 89 8.44 12.08 -17.03
N THR A 90 7.52 12.48 -17.90
CA THR A 90 6.47 11.59 -18.38
C THR A 90 6.56 11.37 -19.88
N ASN A 91 7.76 11.50 -20.43
CA ASN A 91 7.99 11.41 -21.87
C ASN A 91 8.70 10.10 -22.18
N ALA A 92 7.96 9.15 -22.75
CA ALA A 92 8.56 7.87 -23.12
C ALA A 92 9.73 8.04 -24.10
N LYS A 93 9.64 9.04 -24.97
CA LYS A 93 10.73 9.27 -25.92
C LYS A 93 12.05 9.57 -25.20
N GLU A 94 11.97 10.34 -24.12
CA GLU A 94 13.16 10.70 -23.37
C GLU A 94 13.83 9.49 -22.75
N LEU A 95 13.10 8.38 -22.61
CA LEU A 95 13.67 7.13 -22.15
C LEU A 95 14.10 6.26 -23.33
N SER A 96 13.31 6.26 -24.40
CA SER A 96 13.64 5.44 -25.56
C SER A 96 14.94 5.92 -26.22
N SER A 97 15.26 7.21 -26.12
CA SER A 97 16.51 7.69 -26.70
C SER A 97 17.71 7.07 -26.01
N LYS A 98 17.57 6.69 -24.75
CA LYS A 98 18.64 6.00 -24.03
C LYS A 98 18.70 4.53 -24.38
N GLY A 99 17.86 4.06 -25.32
CA GLY A 99 17.80 2.65 -25.65
C GLY A 99 17.00 1.79 -24.70
N VAL A 100 16.06 2.38 -23.95
CA VAL A 100 15.20 1.65 -23.01
C VAL A 100 13.77 1.85 -23.48
N ARG A 101 13.15 0.79 -24.02
CA ARG A 101 11.88 0.91 -24.71
C ARG A 101 10.70 0.37 -23.90
N ILE A 102 10.88 0.16 -22.60
CA ILE A 102 9.85 -0.49 -21.79
C ILE A 102 8.54 0.29 -21.75
N TRP A 103 8.58 1.61 -21.96
CA TRP A 103 7.37 2.43 -21.95
C TRP A 103 6.94 2.89 -23.35
N ASP A 104 7.61 2.46 -24.41
CA ASP A 104 7.30 3.01 -25.73
C ASP A 104 5.90 2.60 -26.17
N ALA A 105 5.53 1.33 -25.95
CA ALA A 105 4.22 0.86 -26.37
C ALA A 105 3.10 1.68 -25.73
N ASN A 106 3.23 1.95 -24.43
CA ASN A 106 2.21 2.68 -23.71
C ASN A 106 2.09 4.13 -24.14
N GLY A 107 3.12 4.68 -24.79
CA GLY A 107 3.05 6.02 -25.34
C GLY A 107 2.83 6.07 -26.83
N SER A 108 2.61 4.93 -27.47
CA SER A 108 2.52 4.86 -28.92
C SER A 108 1.25 5.52 -29.42
N ARG A 109 1.31 6.01 -30.65
CA ARG A 109 0.16 6.71 -31.24
C ARG A 109 -1.11 5.86 -31.14
N ASP A 110 -1.01 4.57 -31.48
CA ASP A 110 -2.19 3.72 -31.49
C ASP A 110 -2.70 3.41 -30.09
N PHE A 111 -1.80 3.14 -29.15
CA PHE A 111 -2.27 2.84 -27.79
C PHE A 111 -2.90 4.06 -27.15
N LEU A 112 -2.31 5.24 -27.36
CA LEU A 112 -2.94 6.46 -26.85
C LEU A 112 -4.34 6.62 -27.40
N ASP A 113 -4.48 6.48 -28.73
CA ASP A 113 -5.80 6.61 -29.34
C ASP A 113 -6.76 5.55 -28.81
N SER A 114 -6.24 4.35 -28.52
CA SER A 114 -7.04 3.30 -27.91
C SER A 114 -7.64 3.73 -26.58
N LEU A 115 -7.06 4.74 -25.94
CA LEU A 115 -7.55 5.28 -24.69
C LEU A 115 -8.21 6.64 -24.87
N GLY A 116 -8.35 7.12 -26.10
CA GLY A 116 -8.99 8.39 -26.35
C GLY A 116 -8.10 9.60 -26.26
N PHE A 117 -6.78 9.43 -26.24
CA PHE A 117 -5.84 10.55 -26.14
C PHE A 117 -5.34 10.96 -27.52
N SER A 118 -6.29 11.39 -28.35
CA SER A 118 -5.98 11.74 -29.74
C SER A 118 -5.18 13.03 -29.85
N ALA A 119 -5.41 13.99 -28.95
CA ALA A 119 -4.73 15.28 -29.02
C ALA A 119 -3.32 15.24 -28.42
N ARG A 120 -2.91 14.11 -27.87
CA ARG A 120 -1.64 14.00 -27.16
C ARG A 120 -0.50 13.61 -28.10
N GLN A 121 0.67 14.22 -27.89
CA GLN A 121 1.86 13.83 -28.63
C GLN A 121 2.27 12.40 -28.30
N GLU A 122 2.95 11.75 -29.24
CA GLU A 122 3.40 10.39 -28.98
C GLU A 122 4.46 10.42 -27.89
N GLY A 123 4.41 9.44 -26.99
CA GLY A 123 5.33 9.39 -25.87
C GLY A 123 4.82 10.02 -24.58
N ASP A 124 3.74 10.81 -24.65
CA ASP A 124 3.21 11.50 -23.46
C ASP A 124 2.36 10.52 -22.67
N LEU A 125 2.93 9.96 -21.61
CA LEU A 125 2.25 8.94 -20.80
C LEU A 125 1.17 9.51 -19.89
N GLY A 126 1.07 10.84 -19.78
CA GLY A 126 0.15 11.44 -18.85
C GLY A 126 0.81 11.56 -17.48
N PRO A 127 0.01 11.96 -16.44
CA PRO A 127 0.57 12.20 -15.10
C PRO A 127 0.91 10.91 -14.34
N VAL A 128 1.95 10.22 -14.81
CA VAL A 128 2.37 8.97 -14.20
C VAL A 128 3.50 9.25 -13.21
N TYR A 129 4.33 8.24 -12.93
CA TYR A 129 5.25 8.26 -11.79
C TYR A 129 6.02 9.57 -11.63
N GLY A 130 6.77 9.98 -12.64
CA GLY A 130 7.63 11.14 -12.48
C GLY A 130 6.88 12.37 -12.03
N PHE A 131 5.69 12.57 -12.59
CA PHE A 131 4.88 13.74 -12.29
C PHE A 131 4.31 13.66 -10.87
N GLN A 132 3.79 12.48 -10.48
CA GLN A 132 3.24 12.31 -9.13
C GLN A 132 4.30 12.40 -8.06
N TRP A 133 5.50 11.87 -8.31
CA TRP A 133 6.58 11.89 -7.34
C TRP A 133 7.04 13.32 -7.05
N ARG A 134 7.02 14.18 -8.06
CA ARG A 134 7.54 15.53 -7.94
C ARG A 134 6.48 16.62 -7.91
N HIS A 135 5.26 16.35 -8.35
CA HIS A 135 4.29 17.42 -8.53
C HIS A 135 2.88 16.97 -8.17
N PHE A 136 2.75 16.12 -7.14
CA PHE A 136 1.45 15.58 -6.83
C PHE A 136 0.46 16.71 -6.58
N GLY A 137 -0.72 16.61 -7.19
CA GLY A 137 -1.76 17.60 -7.05
C GLY A 137 -1.76 18.70 -8.09
N ALA A 138 -0.66 18.88 -8.82
CA ALA A 138 -0.61 19.88 -9.87
C ALA A 138 -1.55 19.49 -11.02
N GLU A 139 -1.93 20.50 -11.80
CA GLU A 139 -2.78 20.30 -12.97
CA GLU A 139 -2.79 20.28 -12.96
C GLU A 139 -1.91 19.91 -14.16
N TYR A 140 -2.05 18.68 -14.62
CA TYR A 140 -1.25 18.19 -15.74
C TYR A 140 -1.76 18.76 -17.05
N LYS A 141 -0.83 19.20 -17.90
CA LYS A 141 -1.17 19.73 -19.22
C LYS A 141 -0.59 18.80 -20.28
N ASP A 142 0.68 18.95 -20.60
CA ASP A 142 1.35 18.03 -21.52
C ASP A 142 2.69 17.61 -20.91
N MET A 143 3.28 16.57 -21.52
CA MET A 143 4.56 16.05 -21.05
C MET A 143 5.64 17.13 -21.00
N ASP A 144 5.51 18.19 -21.81
CA ASP A 144 6.56 19.20 -21.96
C ASP A 144 6.34 20.42 -21.09
N SER A 145 5.24 20.49 -20.34
CA SER A 145 4.94 21.66 -19.52
C SER A 145 5.99 21.88 -18.43
N ASP A 146 6.12 23.12 -17.99
CA ASP A 146 6.98 23.49 -16.87
C ASP A 146 6.17 23.41 -15.57
N TYR A 147 6.57 22.51 -14.67
CA TYR A 147 5.86 22.31 -13.41
C TYR A 147 6.67 22.72 -12.20
N SER A 148 7.74 23.49 -12.38
CA SER A 148 8.57 23.89 -11.26
C SER A 148 7.74 24.55 -10.17
N GLY A 149 7.90 24.09 -8.93
CA GLY A 149 7.18 24.63 -7.80
C GLY A 149 5.71 24.28 -7.69
N GLN A 150 5.17 23.45 -8.59
CA GLN A 150 3.77 23.07 -8.54
C GLN A 150 3.64 21.67 -7.92
N GLY A 151 2.62 21.51 -7.08
CA GLY A 151 2.32 20.23 -6.47
C GLY A 151 3.26 19.88 -5.33
N VAL A 152 3.08 18.69 -4.78
CA VAL A 152 3.91 18.24 -3.67
C VAL A 152 5.08 17.45 -4.24
N ASP A 153 6.30 17.85 -3.87
CA ASP A 153 7.50 17.11 -4.21
C ASP A 153 7.68 16.02 -3.16
N GLN A 154 6.98 14.90 -3.39
CA GLN A 154 7.02 13.82 -2.40
C GLN A 154 8.42 13.25 -2.26
N LEU A 155 9.15 13.16 -3.37
CA LEU A 155 10.48 12.58 -3.31
C LEU A 155 11.39 13.37 -2.40
N GLN A 156 11.45 14.69 -2.60
CA GLN A 156 12.31 15.49 -1.74
C GLN A 156 11.81 15.51 -0.30
N LYS A 157 10.49 15.48 -0.12
CA LYS A 157 9.94 15.46 1.24
C LYS A 157 10.34 14.18 1.97
N VAL A 158 10.32 13.04 1.28
CA VAL A 158 10.79 11.80 1.89
C VAL A 158 12.22 11.97 2.38
N ILE A 159 13.08 12.50 1.51
CA ILE A 159 14.49 12.70 1.85
C ILE A 159 14.64 13.63 3.04
N ASP A 160 13.91 14.76 3.03
CA ASP A 160 14.01 15.71 4.13
C ASP A 160 13.57 15.08 5.45
N THR A 161 12.47 14.32 5.44
CA THR A 161 11.99 13.71 6.68
C THR A 161 12.98 12.67 7.20
N ILE A 162 13.52 11.85 6.31
CA ILE A 162 14.50 10.84 6.74
C ILE A 162 15.68 11.50 7.43
N LYS A 163 16.08 12.69 6.98
CA LYS A 163 17.24 13.37 7.56
C LYS A 163 16.90 13.98 8.92
N THR A 164 15.74 14.62 9.04
CA THR A 164 15.39 15.39 10.23
C THR A 164 14.54 14.63 11.24
N ASN A 165 13.82 13.60 10.82
CA ASN A 165 12.93 12.86 11.72
C ASN A 165 12.88 11.40 11.27
N PRO A 166 13.99 10.67 11.44
CA PRO A 166 14.03 9.29 10.89
C PRO A 166 13.03 8.34 11.54
N ASP A 167 12.47 8.69 12.69
CA ASP A 167 11.45 7.85 13.34
C ASP A 167 10.08 7.97 12.69
N ASP A 168 9.90 8.93 11.78
CA ASP A 168 8.58 9.22 11.25
C ASP A 168 7.97 7.95 10.64
N ARG A 169 6.71 7.68 10.99
CA ARG A 169 6.00 6.54 10.45
C ARG A 169 5.13 6.94 9.27
N ARG A 170 5.35 8.13 8.72
CA ARG A 170 4.57 8.69 7.63
C ARG A 170 5.42 8.98 6.39
N ILE A 171 6.56 8.30 6.24
CA ILE A 171 7.45 8.56 5.11
C ILE A 171 6.98 7.79 3.88
N ILE A 172 6.07 8.40 3.12
CA ILE A 172 5.40 7.73 2.04
C ILE A 172 5.53 8.55 0.76
N MET A 173 5.71 7.84 -0.36
CA MET A 173 5.61 8.42 -1.70
C MET A 173 4.51 7.67 -2.43
N CYS A 174 3.49 8.41 -2.87
CA CYS A 174 2.27 7.80 -3.41
C CYS A 174 2.11 8.22 -4.85
N ALA A 175 2.08 7.26 -5.76
CA ALA A 175 1.80 7.56 -7.16
C ALA A 175 0.35 7.36 -7.53
N TRP A 176 -0.41 6.64 -6.69
CA TRP A 176 -1.83 6.43 -6.96
C TRP A 176 -2.57 7.72 -6.66
N ASN A 177 -3.10 8.35 -7.70
CA ASN A 177 -3.75 9.65 -7.61
C ASN A 177 -5.12 9.51 -8.26
N PRO A 178 -6.14 9.16 -7.48
CA PRO A 178 -7.46 8.89 -8.07
C PRO A 178 -7.95 9.98 -8.97
N LYS A 179 -7.63 11.24 -8.67
CA LYS A 179 -8.12 12.33 -9.50
C LYS A 179 -7.47 12.32 -10.88
N ASP A 180 -6.21 11.87 -10.99
CA ASP A 180 -5.48 11.87 -12.26
C ASP A 180 -5.58 10.56 -13.05
N LEU A 181 -6.06 9.47 -12.46
CA LEU A 181 -6.08 8.20 -13.17
C LEU A 181 -6.63 8.29 -14.58
N PRO A 182 -7.72 9.02 -14.86
CA PRO A 182 -8.27 9.02 -16.22
C PRO A 182 -7.32 9.57 -17.26
N LEU A 183 -6.26 10.27 -16.84
CA LEU A 183 -5.31 10.82 -17.80
C LEU A 183 -4.11 9.91 -18.04
N MET A 184 -3.95 8.84 -17.26
CA MET A 184 -2.76 8.02 -17.36
C MET A 184 -2.92 6.95 -18.43
N ALA A 185 -1.85 6.77 -19.22
CA ALA A 185 -1.82 5.69 -20.20
C ALA A 185 -1.91 4.34 -19.51
N LEU A 186 -1.28 4.21 -18.35
CA LEU A 186 -1.36 3.03 -17.51
C LEU A 186 -1.37 3.49 -16.05
N PRO A 187 -2.44 3.28 -15.32
CA PRO A 187 -2.42 3.57 -13.90
C PRO A 187 -1.27 2.83 -13.23
N PRO A 188 -0.59 3.45 -12.28
CA PRO A 188 0.67 2.89 -11.78
C PRO A 188 0.47 1.53 -11.13
N CYS A 189 1.40 0.60 -11.41
CA CYS A 189 1.41 -0.66 -10.68
C CYS A 189 2.00 -0.50 -9.28
N HIS A 190 2.88 0.48 -9.09
CA HIS A 190 3.50 0.71 -7.79
C HIS A 190 2.73 1.87 -7.17
N ALA A 191 1.68 1.53 -6.43
CA ALA A 191 0.75 2.51 -5.92
C ALA A 191 1.43 3.44 -4.93
N LEU A 192 2.31 2.89 -4.10
CA LEU A 192 3.02 3.73 -3.14
C LEU A 192 4.18 2.91 -2.56
N CYS A 193 5.08 3.62 -1.89
CA CYS A 193 6.14 2.97 -1.15
C CYS A 193 6.32 3.74 0.14
N GLN A 194 6.89 3.08 1.14
CA GLN A 194 7.10 3.68 2.44
C GLN A 194 8.53 3.43 2.87
N PHE A 195 9.11 4.42 3.54
CA PHE A 195 10.46 4.27 4.06
C PHE A 195 10.44 4.22 5.58
N TYR A 196 11.50 3.62 6.11
CA TYR A 196 11.57 3.25 7.51
C TYR A 196 13.05 3.25 7.89
N VAL A 197 13.35 3.81 9.07
CA VAL A 197 14.72 3.92 9.55
C VAL A 197 14.79 3.31 10.93
N VAL A 198 15.74 2.40 11.13
CA VAL A 198 16.10 1.97 12.48
C VAL A 198 17.55 1.53 12.44
N ASN A 199 18.28 1.78 13.53
CA ASN A 199 19.63 1.24 13.68
C ASN A 199 20.51 1.71 12.52
N GLY A 200 20.35 2.97 12.12
CA GLY A 200 21.11 3.54 11.02
C GLY A 200 20.83 2.95 9.66
N GLU A 201 19.79 2.11 9.52
CA GLU A 201 19.48 1.46 8.26
C GLU A 201 18.17 1.98 7.68
N LEU A 202 18.18 2.23 6.37
CA LEU A 202 17.01 2.72 5.65
C LEU A 202 16.34 1.55 4.94
N SER A 203 15.09 1.26 5.29
CA SER A 203 14.30 0.24 4.60
C SER A 203 13.18 0.87 3.79
N CYS A 204 12.68 0.08 2.85
CA CYS A 204 11.63 0.50 1.94
C CYS A 204 10.66 -0.63 1.72
N GLN A 205 9.36 -0.33 1.75
CA GLN A 205 8.31 -1.27 1.41
C GLN A 205 7.55 -0.75 0.20
N LEU A 206 7.37 -1.61 -0.80
CA LEU A 206 6.60 -1.27 -1.99
C LEU A 206 5.26 -1.99 -1.94
N TYR A 207 4.17 -1.24 -2.15
CA TYR A 207 2.85 -1.80 -2.41
C TYR A 207 2.62 -1.81 -3.92
N GLN A 208 2.72 -2.97 -4.52
CA GLN A 208 2.51 -3.16 -5.95
C GLN A 208 1.14 -3.82 -6.14
N ARG A 209 0.20 -3.10 -6.75
CA ARG A 209 -1.17 -3.58 -6.87
C ARG A 209 -1.28 -4.77 -7.82
N SER A 210 -0.33 -4.90 -8.74
CA SER A 210 -0.44 -5.87 -9.80
C SER A 210 0.98 -6.23 -10.24
N GLY A 211 1.28 -7.52 -10.24
CA GLY A 211 2.62 -7.99 -10.54
C GLY A 211 2.68 -9.11 -11.57
N ASP A 212 3.23 -8.78 -12.74
CA ASP A 212 3.59 -9.77 -13.76
C ASP A 212 4.85 -10.48 -13.29
N MET A 213 4.68 -11.69 -12.75
CA MET A 213 5.82 -12.35 -12.12
C MET A 213 6.93 -12.61 -13.12
N GLY A 214 6.59 -12.84 -14.38
CA GLY A 214 7.60 -13.18 -15.37
C GLY A 214 8.40 -11.98 -15.83
N LEU A 215 7.72 -10.85 -16.10
CA LEU A 215 8.40 -9.68 -16.66
C LEU A 215 8.69 -8.58 -15.66
N GLY A 216 7.64 -7.92 -15.15
CA GLY A 216 7.87 -6.69 -14.39
C GLY A 216 8.51 -6.92 -13.04
N VAL A 217 8.05 -7.94 -12.29
CA VAL A 217 8.42 -8.08 -10.88
C VAL A 217 9.94 -8.11 -10.67
N PRO A 218 10.72 -8.94 -11.38
CA PRO A 218 12.19 -8.87 -11.21
C PRO A 218 12.75 -7.48 -11.45
N PHE A 219 12.28 -6.84 -12.51
CA PHE A 219 12.63 -5.46 -12.79
C PHE A 219 12.25 -4.56 -11.61
N ASN A 220 10.99 -4.66 -11.15
CA ASN A 220 10.52 -3.77 -10.11
C ASN A 220 11.30 -3.95 -8.82
N ILE A 221 11.68 -5.19 -8.51
CA ILE A 221 12.45 -5.41 -7.28
C ILE A 221 13.76 -4.65 -7.34
N ALA A 222 14.46 -4.73 -8.47
CA ALA A 222 15.71 -4.00 -8.63
C ALA A 222 15.48 -2.50 -8.53
N SER A 223 14.38 -2.04 -9.13
CA SER A 223 14.12 -0.61 -9.17
C SER A 223 14.05 0.00 -7.77
N TYR A 224 13.25 -0.60 -6.87
CA TYR A 224 13.09 -0.01 -5.55
C TYR A 224 14.24 -0.36 -4.62
N ALA A 225 14.96 -1.46 -4.88
CA ALA A 225 16.23 -1.65 -4.21
C ALA A 225 17.20 -0.52 -4.58
N LEU A 226 17.26 -0.19 -5.86
CA LEU A 226 18.12 0.91 -6.30
C LEU A 226 17.69 2.23 -5.68
N LEU A 227 16.39 2.52 -5.69
CA LEU A 227 15.91 3.76 -5.10
C LEU A 227 16.33 3.86 -3.64
N THR A 228 16.25 2.74 -2.91
CA THR A 228 16.65 2.76 -1.50
C THR A 228 18.14 3.02 -1.35
N TYR A 229 18.97 2.42 -2.21
CA TYR A 229 20.40 2.70 -2.20
C TYR A 229 20.67 4.18 -2.42
N MET A 230 19.99 4.79 -3.39
CA MET A 230 20.24 6.19 -3.68
C MET A 230 19.88 7.09 -2.50
N ILE A 231 18.72 6.84 -1.87
CA ILE A 231 18.29 7.70 -0.76
C ILE A 231 19.15 7.44 0.48
N ALA A 232 19.54 6.19 0.71
CA ALA A 232 20.44 5.91 1.82
C ALA A 232 21.73 6.69 1.67
N HIS A 233 22.22 6.80 0.43
CA HIS A 233 23.45 7.51 0.16
C HIS A 233 23.34 8.99 0.51
N ILE A 234 22.32 9.68 -0.02
CA ILE A 234 22.21 11.11 0.23
C ILE A 234 21.83 11.43 1.67
N THR A 235 21.26 10.47 2.41
CA THR A 235 20.88 10.69 3.79
C THR A 235 21.91 10.17 4.78
N GLY A 236 23.04 9.66 4.30
CA GLY A 236 24.07 9.21 5.21
C GLY A 236 23.71 7.95 5.95
N LEU A 237 22.85 7.11 5.37
CA LEU A 237 22.43 5.88 6.01
C LEU A 237 22.90 4.69 5.18
N GLN A 238 22.73 3.50 5.76
CA GLN A 238 23.02 2.24 5.13
C GLN A 238 21.73 1.55 4.70
N PRO A 239 21.73 0.92 3.53
CA PRO A 239 20.53 0.21 3.09
C PRO A 239 20.18 -0.93 4.03
N GLY A 240 18.89 -1.09 4.29
CA GLY A 240 18.42 -2.15 5.17
C GLY A 240 17.74 -3.29 4.42
N ASP A 241 16.41 -3.23 4.36
CA ASP A 241 15.59 -4.20 3.65
C ASP A 241 14.78 -3.50 2.57
N PHE A 242 14.47 -4.24 1.50
CA PHE A 242 13.38 -3.90 0.61
C PHE A 242 12.27 -4.92 0.80
N VAL A 243 11.11 -4.46 1.27
CA VAL A 243 9.94 -5.32 1.47
C VAL A 243 9.02 -5.15 0.27
N HIS A 244 8.81 -6.23 -0.48
CA HIS A 244 7.97 -6.23 -1.68
C HIS A 244 6.61 -6.84 -1.35
N THR A 245 5.55 -6.03 -1.45
CA THR A 245 4.20 -6.49 -1.21
C THR A 245 3.41 -6.45 -2.51
N LEU A 246 2.72 -7.55 -2.81
CA LEU A 246 1.94 -7.68 -4.03
C LEU A 246 0.45 -7.78 -3.74
N GLY A 247 -0.35 -7.13 -4.59
CA GLY A 247 -1.77 -7.37 -4.66
C GLY A 247 -2.04 -8.58 -5.53
N ASP A 248 -2.44 -8.35 -6.79
CA ASP A 248 -2.64 -9.46 -7.73
C ASP A 248 -1.29 -9.88 -8.29
N ALA A 249 -0.70 -10.91 -7.68
CA ALA A 249 0.52 -11.54 -8.18
C ALA A 249 0.13 -12.64 -9.16
N HIS A 250 0.58 -12.52 -10.42
CA HIS A 250 0.08 -13.41 -11.46
C HIS A 250 1.19 -13.84 -12.41
N ILE A 251 0.97 -15.01 -13.01
CA ILE A 251 1.80 -15.56 -14.08
C ILE A 251 0.93 -15.65 -15.33
N TYR A 252 1.32 -14.94 -16.40
CA TYR A 252 0.54 -15.06 -17.62
C TYR A 252 0.62 -16.48 -18.13
N LEU A 253 -0.45 -16.94 -18.78
CA LEU A 253 -0.50 -18.33 -19.22
C LEU A 253 0.64 -18.66 -20.18
N ASN A 254 1.08 -17.70 -20.98
CA ASN A 254 2.17 -17.95 -21.92
C ASN A 254 3.55 -17.74 -21.30
N HIS A 255 3.65 -17.62 -19.97
CA HIS A 255 4.94 -17.57 -19.28
C HIS A 255 5.21 -18.83 -18.47
N ILE A 256 4.30 -19.80 -18.50
CA ILE A 256 4.42 -20.96 -17.61
C ILE A 256 5.63 -21.81 -17.98
N GLU A 257 5.77 -22.18 -19.25
CA GLU A 257 6.94 -22.96 -19.66
C GLU A 257 8.24 -22.20 -19.42
N PRO A 258 8.40 -20.95 -19.87
CA PRO A 258 9.63 -20.20 -19.52
C PRO A 258 9.90 -20.17 -18.02
N LEU A 259 8.87 -19.96 -17.19
CA LEU A 259 9.15 -19.87 -15.75
C LEU A 259 9.51 -21.22 -15.15
N LYS A 260 8.92 -22.32 -15.65
CA LYS A 260 9.30 -23.64 -15.17
C LYS A 260 10.75 -23.96 -15.48
N ILE A 261 11.28 -23.45 -16.60
CA ILE A 261 12.71 -23.59 -16.85
C ILE A 261 13.51 -22.78 -15.83
N GLN A 262 13.04 -21.56 -15.51
CA GLN A 262 13.80 -20.71 -14.61
C GLN A 262 13.86 -21.30 -13.21
N LEU A 263 12.78 -21.96 -12.78
CA LEU A 263 12.70 -22.51 -11.43
C LEU A 263 13.69 -23.64 -11.19
N GLN A 264 14.18 -24.28 -12.25
CA GLN A 264 15.15 -25.37 -12.12
C GLN A 264 16.58 -24.86 -11.96
N ARG A 265 16.81 -23.56 -12.10
CA ARG A 265 18.16 -23.03 -12.04
C ARG A 265 18.53 -22.68 -10.62
N GLU A 266 19.76 -22.88 -10.30
CA GLU A 266 19.97 -22.53 -8.91
C GLU A 266 20.57 -21.14 -8.80
N PRO A 267 20.15 -20.36 -7.80
CA PRO A 267 20.61 -18.97 -7.72
C PRO A 267 22.12 -18.88 -7.55
N ARG A 268 22.67 -17.87 -8.12
CA ARG A 268 24.03 -17.48 -7.83
C ARG A 268 24.04 -16.31 -6.87
N PRO A 269 25.08 -16.19 -6.06
CA PRO A 269 25.14 -15.08 -5.11
C PRO A 269 24.80 -13.76 -5.78
N PHE A 270 24.04 -12.93 -5.07
CA PHE A 270 23.65 -11.63 -5.59
C PHE A 270 24.87 -10.76 -5.84
N PRO A 271 24.83 -9.90 -6.86
CA PRO A 271 25.92 -8.96 -7.08
C PRO A 271 25.95 -7.87 -6.02
N LYS A 272 26.86 -6.93 -6.18
CA LYS A 272 26.92 -5.74 -5.33
C LYS A 272 26.70 -4.51 -6.18
N LEU A 273 26.17 -3.47 -5.54
CA LEU A 273 26.01 -2.17 -6.17
C LEU A 273 26.99 -1.19 -5.54
N LYS A 274 27.77 -0.51 -6.37
CA LYS A 274 28.68 0.53 -5.92
C LYS A 274 28.25 1.88 -6.47
N ILE A 275 28.33 2.89 -5.62
CA ILE A 275 28.11 4.26 -5.99
C ILE A 275 29.49 4.92 -5.99
N LEU A 276 29.94 5.36 -7.16
CA LEU A 276 31.35 5.63 -7.38
C LEU A 276 31.78 7.02 -6.93
N ARG A 277 30.87 7.84 -6.44
CA ARG A 277 31.24 9.16 -5.94
C ARG A 277 30.22 9.55 -4.89
N LYS A 278 30.57 10.57 -4.11
CA LYS A 278 29.65 11.12 -3.13
C LYS A 278 28.71 12.11 -3.80
N VAL A 279 27.42 11.80 -3.82
CA VAL A 279 26.40 12.63 -4.43
C VAL A 279 25.57 13.26 -3.31
N GLU A 280 25.20 14.52 -3.49
CA GLU A 280 24.55 15.29 -2.43
C GLU A 280 23.05 15.38 -2.58
N THR A 281 22.53 15.34 -3.79
CA THR A 281 21.09 15.45 -4.01
C THR A 281 20.65 14.36 -4.98
N ILE A 282 19.42 13.89 -4.80
CA ILE A 282 18.87 12.84 -5.64
C ILE A 282 18.90 13.24 -7.11
N ASP A 283 18.78 14.54 -7.40
CA ASP A 283 18.74 14.98 -8.79
C ASP A 283 20.09 14.88 -9.47
N ASP A 284 21.18 14.81 -8.71
CA ASP A 284 22.53 14.84 -9.27
C ASP A 284 23.08 13.46 -9.62
N PHE A 285 22.39 12.38 -9.24
CA PHE A 285 22.83 11.05 -9.66
C PHE A 285 22.80 10.96 -11.17
N LYS A 286 23.80 10.27 -11.74
CA LYS A 286 23.88 10.05 -13.18
C LYS A 286 24.24 8.58 -13.45
N VAL A 287 23.93 8.11 -14.66
CA VAL A 287 24.10 6.70 -14.98
C VAL A 287 25.50 6.23 -14.61
N GLU A 288 26.52 7.06 -14.90
CA GLU A 288 27.90 6.62 -14.71
C GLU A 288 28.27 6.49 -13.24
N ASP A 289 27.45 6.99 -12.31
CA ASP A 289 27.81 6.89 -10.91
C ASP A 289 27.55 5.51 -10.31
N PHE A 290 27.03 4.56 -11.10
CA PHE A 290 26.66 3.24 -10.58
C PHE A 290 27.42 2.13 -11.30
N GLN A 291 27.75 1.09 -10.56
CA GLN A 291 28.40 -0.08 -11.13
C GLN A 291 27.91 -1.33 -10.42
N ILE A 292 27.37 -2.27 -11.19
CA ILE A 292 26.98 -3.58 -10.69
C ILE A 292 28.19 -4.50 -10.79
N GLU A 293 28.56 -5.13 -9.67
CA GLU A 293 29.74 -5.96 -9.57
C GLU A 293 29.35 -7.42 -9.36
N GLY A 294 30.03 -8.32 -10.08
CA GLY A 294 29.84 -9.74 -9.88
C GLY A 294 28.53 -10.31 -10.37
N TYR A 295 27.94 -9.72 -11.41
CA TYR A 295 26.64 -10.15 -11.93
C TYR A 295 26.84 -11.06 -13.12
N ASN A 296 26.65 -12.36 -12.92
CA ASN A 296 26.77 -13.36 -13.99
C ASN A 296 25.57 -14.29 -13.97
N PRO A 297 24.40 -13.80 -14.38
CA PRO A 297 23.18 -14.59 -14.26
C PRO A 297 23.11 -15.71 -15.29
N HIS A 298 22.21 -16.65 -15.03
CA HIS A 298 21.89 -17.66 -16.02
C HIS A 298 21.36 -16.92 -17.25
N PRO A 299 21.21 -17.60 -18.38
CA PRO A 299 20.81 -16.91 -19.61
C PRO A 299 19.45 -16.22 -19.52
N THR A 300 19.28 -15.24 -20.41
CA THR A 300 18.00 -14.58 -20.58
C THR A 300 16.92 -15.59 -20.97
N ILE A 301 15.70 -15.30 -20.54
CA ILE A 301 14.53 -16.11 -20.89
C ILE A 301 13.53 -15.16 -21.55
N LYS A 302 13.20 -15.44 -22.80
CA LYS A 302 12.24 -14.63 -23.53
C LYS A 302 10.82 -14.83 -23.01
N MET A 303 10.16 -13.73 -22.70
CA MET A 303 8.77 -13.76 -22.25
C MET A 303 8.05 -12.57 -22.87
N GLU A 304 7.02 -12.85 -23.65
CA GLU A 304 6.31 -11.77 -24.33
C GLU A 304 5.48 -10.98 -23.33
N MET A 305 5.35 -9.69 -23.61
CA MET A 305 4.60 -8.80 -22.75
C MET A 305 3.14 -8.80 -23.20
N ALA A 306 2.23 -9.16 -22.29
CA ALA A 306 0.82 -9.05 -22.59
C ALA A 306 0.43 -7.58 -22.57
N VAL A 307 -0.16 -7.09 -23.66
CA VAL A 307 -0.55 -5.69 -23.71
C VAL A 307 -2.07 -5.57 -23.83
N ARG B 21 -5.82 -24.12 10.34
CA ARG B 21 -5.23 -23.41 11.47
C ARG B 21 -6.02 -22.14 11.78
N HIS B 22 -6.16 -21.83 13.07
CA HIS B 22 -6.93 -20.68 13.50
C HIS B 22 -6.26 -19.38 13.04
N GLY B 23 -7.04 -18.51 12.40
CA GLY B 23 -6.47 -17.31 11.82
C GLY B 23 -5.79 -16.41 12.85
N GLU B 24 -6.31 -16.39 14.07
CA GLU B 24 -5.78 -15.49 15.09
C GLU B 24 -4.33 -15.80 15.45
N LEU B 25 -3.87 -17.04 15.24
CA LEU B 25 -2.48 -17.32 15.54
C LEU B 25 -1.54 -16.40 14.77
N GLN B 26 -1.94 -15.99 13.56
CA GLN B 26 -1.11 -15.07 12.78
C GLN B 26 -0.90 -13.77 13.55
N TYR B 27 -1.98 -13.20 14.09
CA TYR B 27 -1.84 -11.99 14.89
C TYR B 27 -0.92 -12.26 16.08
N LEU B 28 -1.09 -13.41 16.73
CA LEU B 28 -0.28 -13.72 17.90
C LEU B 28 1.19 -13.93 17.53
N ARG B 29 1.46 -14.70 16.48
CA ARG B 29 2.84 -14.87 16.05
C ARG B 29 3.51 -13.52 15.74
N GLN B 30 2.75 -12.58 15.18
CA GLN B 30 3.33 -11.26 14.90
C GLN B 30 3.71 -10.54 16.19
N VAL B 31 2.80 -10.51 17.16
CA VAL B 31 3.11 -9.89 18.45
C VAL B 31 4.34 -10.55 19.05
N GLU B 32 4.38 -11.88 19.02
CA GLU B 32 5.54 -12.60 19.52
C GLU B 32 6.80 -12.21 18.77
N HIS B 33 6.72 -12.11 17.44
CA HIS B 33 7.89 -11.77 16.64
C HIS B 33 8.39 -10.36 16.97
N ILE B 34 7.48 -9.42 17.21
CA ILE B 34 7.92 -8.08 17.58
C ILE B 34 8.61 -8.11 18.94
N LEU B 35 8.07 -8.90 19.87
CA LEU B 35 8.64 -8.99 21.21
C LEU B 35 10.02 -9.65 21.21
N ARG B 36 10.24 -10.63 20.32
CA ARG B 36 11.53 -11.34 20.29
C ARG B 36 12.56 -10.64 19.43
N CYS B 37 12.18 -10.22 18.23
CA CYS B 37 13.12 -9.74 17.23
C CYS B 37 12.95 -8.26 16.88
N GLY B 38 11.95 -7.57 17.42
CA GLY B 38 11.81 -6.17 17.10
C GLY B 38 12.95 -5.35 17.68
N PHE B 39 13.13 -4.16 17.11
CA PHE B 39 14.12 -3.21 17.59
C PHE B 39 13.44 -2.08 18.35
N LYS B 40 14.11 -1.59 19.38
CA LYS B 40 13.59 -0.43 20.08
C LYS B 40 13.64 0.78 19.15
N LYS B 41 12.56 1.55 19.15
CA LYS B 41 12.43 2.68 18.25
C LYS B 41 11.59 3.76 18.92
N GLU B 42 12.13 4.98 18.98
CA GLU B 42 11.38 6.13 19.45
C GLU B 42 10.24 6.46 18.49
N ASP B 43 9.29 7.24 18.98
CA ASP B 43 8.15 7.58 18.15
C ASP B 43 7.67 8.98 18.50
N ARG B 44 6.74 9.45 17.67
CA ARG B 44 6.22 10.81 17.79
C ARG B 44 5.66 11.10 19.18
N THR B 45 4.98 10.13 19.79
CA THR B 45 4.33 10.37 21.08
C THR B 45 5.31 10.41 22.25
N GLY B 46 6.59 10.15 22.03
CA GLY B 46 7.53 10.06 23.12
C GLY B 46 7.41 8.81 23.96
N THR B 47 6.51 7.89 23.60
CA THR B 47 6.31 6.68 24.39
C THR B 47 7.38 5.62 24.09
N GLY B 48 7.80 5.50 22.83
CA GLY B 48 8.75 4.43 22.52
C GLY B 48 8.06 3.13 22.19
N THR B 49 8.70 2.33 21.33
CA THR B 49 8.08 1.11 20.84
C THR B 49 9.14 0.03 20.63
N LEU B 50 8.65 -1.19 20.43
CA LEU B 50 9.38 -2.28 19.82
C LEU B 50 8.78 -2.46 18.44
N SER B 51 9.63 -2.48 17.40
CA SER B 51 9.14 -2.25 16.05
C SER B 51 9.72 -3.24 15.04
N VAL B 52 8.88 -3.64 14.09
CA VAL B 52 9.29 -4.41 12.91
C VAL B 52 8.70 -3.70 11.68
N PHE B 53 9.48 -3.64 10.60
CA PHE B 53 9.01 -3.02 9.37
C PHE B 53 8.70 -4.12 8.35
N GLY B 54 7.43 -4.22 7.96
CA GLY B 54 7.00 -5.16 6.95
C GLY B 54 6.41 -6.45 7.49
N MET B 55 5.09 -6.58 7.50
CA MET B 55 4.44 -7.82 7.91
C MET B 55 3.22 -8.07 7.04
N GLN B 56 2.78 -9.32 7.00
CA GLN B 56 1.60 -9.69 6.23
C GLN B 56 0.92 -10.88 6.88
N ALA B 57 -0.41 -10.83 6.95
CA ALA B 57 -1.22 -11.93 7.46
C ALA B 57 -2.47 -12.03 6.60
N ARG B 58 -3.06 -13.23 6.56
CA ARG B 58 -4.25 -13.49 5.76
C ARG B 58 -5.35 -14.05 6.65
N TYR B 59 -6.46 -13.33 6.76
CA TYR B 59 -7.60 -13.75 7.57
C TYR B 59 -8.74 -14.21 6.65
N SER B 60 -9.07 -15.49 6.73
CA SER B 60 -10.20 -15.99 5.94
C SER B 60 -11.48 -15.35 6.40
N LEU B 61 -12.33 -15.00 5.45
CA LEU B 61 -13.64 -14.44 5.74
C LEU B 61 -14.76 -15.43 5.43
N ARG B 62 -14.40 -16.68 5.14
CA ARG B 62 -15.33 -17.69 4.65
C ARG B 62 -16.03 -18.38 5.83
N ASP B 63 -17.28 -18.01 6.07
CA ASP B 63 -18.10 -18.57 7.15
C ASP B 63 -17.52 -18.31 8.52
N GLU B 64 -16.70 -17.27 8.64
CA GLU B 64 -16.19 -16.83 9.93
C GLU B 64 -15.79 -15.37 9.79
N PHE B 65 -15.69 -14.70 10.93
CA PHE B 65 -15.36 -13.28 10.98
C PHE B 65 -14.23 -13.05 11.96
N PRO B 66 -13.08 -12.45 11.53
CA PRO B 66 -11.87 -12.36 12.37
C PRO B 66 -11.95 -11.25 13.43
N LEU B 67 -12.87 -11.43 14.37
CA LEU B 67 -12.92 -10.64 15.58
C LEU B 67 -12.12 -11.36 16.66
N LEU B 68 -11.04 -10.74 17.13
CA LEU B 68 -10.07 -11.45 17.97
C LEU B 68 -10.72 -11.94 19.26
N THR B 69 -10.34 -13.15 19.67
CA THR B 69 -10.93 -13.79 20.84
C THR B 69 -10.01 -13.80 22.06
N THR B 70 -8.72 -13.54 21.88
CA THR B 70 -7.79 -13.50 23.01
C THR B 70 -7.97 -12.24 23.85
N LYS B 71 -8.76 -11.28 23.38
CA LYS B 71 -9.29 -10.20 24.18
C LYS B 71 -10.58 -9.72 23.53
N ARG B 72 -11.48 -9.17 24.34
CA ARG B 72 -12.74 -8.66 23.80
C ARG B 72 -12.48 -7.39 22.99
N VAL B 73 -12.94 -7.37 21.75
CA VAL B 73 -12.77 -6.21 20.88
C VAL B 73 -14.04 -5.38 20.90
N PHE B 74 -13.87 -4.06 20.93
CA PHE B 74 -14.98 -3.11 20.99
C PHE B 74 -15.77 -3.12 19.69
N TRP B 75 -16.55 -4.19 19.46
CA TRP B 75 -17.16 -4.38 18.16
C TRP B 75 -18.10 -3.24 17.79
N LYS B 76 -18.85 -2.74 18.77
CA LYS B 76 -19.74 -1.62 18.50
C LYS B 76 -18.96 -0.43 17.96
N GLY B 77 -17.76 -0.19 18.49
CA GLY B 77 -16.94 0.89 17.95
C GLY B 77 -16.58 0.67 16.50
N VAL B 78 -16.23 -0.57 16.14
CA VAL B 78 -15.86 -0.87 14.76
C VAL B 78 -17.01 -0.55 13.82
N LEU B 79 -18.22 -1.02 14.15
CA LEU B 79 -19.36 -0.86 13.24
C LEU B 79 -19.75 0.60 13.11
N GLU B 80 -19.86 1.32 14.22
CA GLU B 80 -20.23 2.72 14.13
C GLU B 80 -19.17 3.51 13.37
N GLU B 81 -17.89 3.22 13.62
CA GLU B 81 -16.83 3.95 12.94
C GLU B 81 -16.97 3.80 11.43
N LEU B 82 -17.18 2.57 10.95
CA LEU B 82 -17.25 2.35 9.51
C LEU B 82 -18.45 3.04 8.88
N LEU B 83 -19.63 2.96 9.51
CA LEU B 83 -20.79 3.68 8.97
C LEU B 83 -20.53 5.17 8.96
N TRP B 84 -19.81 5.67 9.96
CA TRP B 84 -19.41 7.07 10.02
C TRP B 84 -18.46 7.42 8.89
N PHE B 85 -17.50 6.53 8.58
CA PHE B 85 -16.67 6.69 7.39
C PHE B 85 -17.53 6.77 6.14
N ILE B 86 -18.46 5.83 6.02
CA ILE B 86 -19.17 5.64 4.76
C ILE B 86 -20.03 6.86 4.43
N LYS B 87 -20.65 7.48 5.44
CA LYS B 87 -21.47 8.65 5.16
C LYS B 87 -20.63 9.90 5.00
N GLY B 88 -19.32 9.74 4.93
CA GLY B 88 -18.40 10.81 4.57
C GLY B 88 -18.03 11.74 5.70
N SER B 89 -18.32 11.38 6.93
CA SER B 89 -18.12 12.29 8.04
C SER B 89 -16.64 12.35 8.42
N THR B 90 -16.17 13.57 8.70
CA THR B 90 -14.90 13.80 9.39
C THR B 90 -15.10 14.57 10.71
N ASN B 91 -16.28 14.42 11.31
CA ASN B 91 -16.63 15.10 12.56
C ASN B 91 -16.64 14.07 13.68
N ALA B 92 -15.64 14.12 14.56
CA ALA B 92 -15.61 13.19 15.69
C ALA B 92 -16.87 13.29 16.55
N LYS B 93 -17.48 14.48 16.64
CA LYS B 93 -18.69 14.64 17.44
C LYS B 93 -19.81 13.71 16.95
N GLU B 94 -19.97 13.58 15.62
CA GLU B 94 -21.00 12.71 15.06
C GLU B 94 -20.77 11.24 15.39
N LEU B 95 -19.54 10.87 15.73
CA LEU B 95 -19.23 9.52 16.19
C LEU B 95 -19.32 9.40 17.70
N SER B 96 -18.93 10.44 18.43
CA SER B 96 -18.99 10.39 19.88
C SER B 96 -20.42 10.30 20.39
N SER B 97 -21.37 10.93 19.68
CA SER B 97 -22.77 10.86 20.08
C SER B 97 -23.32 9.45 20.01
N LYS B 98 -22.73 8.59 19.17
CA LYS B 98 -23.12 7.19 19.15
C LYS B 98 -22.52 6.40 20.29
N GLY B 99 -21.80 7.05 21.21
CA GLY B 99 -21.10 6.36 22.27
C GLY B 99 -19.76 5.78 21.88
N VAL B 100 -19.13 6.29 20.81
CA VAL B 100 -17.82 5.83 20.37
C VAL B 100 -16.87 7.02 20.39
N ARG B 101 -15.92 7.01 21.33
CA ARG B 101 -15.06 8.16 21.56
C ARG B 101 -13.64 7.95 21.02
N ILE B 102 -13.44 6.94 20.16
CA ILE B 102 -12.08 6.58 19.74
C ILE B 102 -11.38 7.71 19.01
N TRP B 103 -12.12 8.63 18.42
CA TRP B 103 -11.53 9.76 17.72
C TRP B 103 -11.62 11.07 18.48
N ASP B 104 -12.18 11.08 19.69
CA ASP B 104 -12.47 12.34 20.37
C ASP B 104 -11.21 13.11 20.76
N ALA B 105 -10.19 12.40 21.25
CA ALA B 105 -8.94 13.07 21.61
C ALA B 105 -8.32 13.76 20.40
N ASN B 106 -8.31 13.07 19.25
CA ASN B 106 -7.70 13.64 18.05
C ASN B 106 -8.46 14.83 17.51
N GLY B 107 -9.73 15.00 17.88
CA GLY B 107 -10.50 16.15 17.47
C GLY B 107 -10.68 17.21 18.55
N SER B 108 -10.04 17.04 19.70
CA SER B 108 -10.25 17.94 20.82
C SER B 108 -9.62 19.29 20.58
N ARG B 109 -10.21 20.32 21.21
CA ARG B 109 -9.70 21.68 21.07
C ARG B 109 -8.21 21.76 21.36
N ASP B 110 -7.77 21.13 22.44
CA ASP B 110 -6.37 21.28 22.83
C ASP B 110 -5.45 20.58 21.85
N PHE B 111 -5.83 19.38 21.39
CA PHE B 111 -4.97 18.67 20.44
C PHE B 111 -4.95 19.36 19.08
N LEU B 112 -6.11 19.85 18.63
CA LEU B 112 -6.16 20.61 17.39
C LEU B 112 -5.23 21.81 17.46
N ASP B 113 -5.36 22.60 18.54
CA ASP B 113 -4.49 23.77 18.70
C ASP B 113 -3.03 23.34 18.73
N SER B 114 -2.76 22.15 19.26
CA SER B 114 -1.42 21.59 19.30
C SER B 114 -0.78 21.46 17.93
N LEU B 115 -1.59 21.36 16.87
CA LEU B 115 -1.10 21.23 15.50
C LEU B 115 -1.27 22.51 14.71
N GLY B 116 -1.68 23.59 15.36
CA GLY B 116 -1.88 24.87 14.71
C GLY B 116 -3.26 25.09 14.14
N PHE B 117 -4.22 24.24 14.44
CA PHE B 117 -5.57 24.37 13.90
C PHE B 117 -6.47 25.11 14.89
N SER B 118 -6.06 26.34 15.21
CA SER B 118 -6.77 27.13 16.21
C SER B 118 -8.12 27.61 15.71
N ALA B 119 -8.26 27.87 14.41
CA ALA B 119 -9.52 28.35 13.86
C ALA B 119 -10.53 27.23 13.63
N ARG B 120 -10.15 25.98 13.87
CA ARG B 120 -10.99 24.84 13.55
C ARG B 120 -11.93 24.51 14.72
N GLN B 121 -13.17 24.17 14.38
CA GLN B 121 -14.13 23.78 15.40
CA GLN B 121 -14.13 23.78 15.40
C GLN B 121 -13.74 22.43 16.00
N GLU B 122 -14.03 22.27 17.29
CA GLU B 122 -13.76 20.99 17.93
C GLU B 122 -14.52 19.89 17.21
N GLY B 123 -13.88 18.73 17.09
CA GLY B 123 -14.41 17.59 16.38
C GLY B 123 -13.96 17.45 14.94
N ASP B 124 -13.38 18.49 14.36
CA ASP B 124 -12.99 18.50 12.96
C ASP B 124 -11.62 17.83 12.78
N LEU B 125 -11.64 16.56 12.34
CA LEU B 125 -10.40 15.80 12.15
C LEU B 125 -9.63 16.20 10.89
N GLY B 126 -10.20 17.06 10.05
CA GLY B 126 -9.57 17.41 8.80
C GLY B 126 -9.99 16.44 7.71
N PRO B 127 -9.31 16.54 6.49
CA PRO B 127 -9.69 15.68 5.34
C PRO B 127 -9.21 14.24 5.49
N VAL B 128 -9.82 13.50 6.43
CA VAL B 128 -9.42 12.12 6.66
C VAL B 128 -10.38 11.17 5.93
N TYR B 129 -10.49 9.94 6.43
CA TYR B 129 -11.10 8.84 5.70
C TYR B 129 -12.42 9.19 5.01
N GLY B 130 -13.40 9.69 5.77
CA GLY B 130 -14.71 9.93 5.18
C GLY B 130 -14.63 10.86 3.99
N PHE B 131 -13.79 11.91 4.10
CA PHE B 131 -13.69 12.88 3.02
C PHE B 131 -12.93 12.31 1.82
N GLN B 132 -11.81 11.62 2.07
CA GLN B 132 -11.04 11.03 0.96
C GLN B 132 -11.82 9.91 0.28
N TRP B 133 -12.53 9.08 1.06
CA TRP B 133 -13.25 7.96 0.46
C TRP B 133 -14.33 8.45 -0.50
N ARG B 134 -15.02 9.55 -0.14
CA ARG B 134 -16.13 10.03 -0.95
C ARG B 134 -15.81 11.27 -1.77
N HIS B 135 -14.71 11.99 -1.47
CA HIS B 135 -14.48 13.28 -2.12
C HIS B 135 -13.01 13.49 -2.47
N PHE B 136 -12.29 12.44 -2.84
CA PHE B 136 -10.86 12.61 -3.07
C PHE B 136 -10.61 13.74 -4.07
N GLY B 137 -9.71 14.65 -3.70
CA GLY B 137 -9.33 15.73 -4.57
C GLY B 137 -10.13 17.00 -4.43
N ALA B 138 -11.29 16.96 -3.77
CA ALA B 138 -12.04 18.18 -3.53
C ALA B 138 -11.26 19.09 -2.58
N GLU B 139 -11.62 20.37 -2.57
CA GLU B 139 -10.97 21.34 -1.70
C GLU B 139 -11.62 21.31 -0.32
N TYR B 140 -10.84 20.97 0.72
CA TYR B 140 -11.40 20.83 2.05
C TYR B 140 -11.52 22.18 2.73
N LYS B 141 -12.67 22.42 3.34
CA LYS B 141 -12.91 23.67 4.06
C LYS B 141 -13.18 23.37 5.52
N ASP B 142 -14.41 22.97 5.83
CA ASP B 142 -14.82 22.66 7.18
C ASP B 142 -15.43 21.27 7.18
N MET B 143 -15.46 20.63 8.35
CA MET B 143 -16.04 19.29 8.42
C MET B 143 -17.49 19.29 7.97
N ASP B 144 -18.21 20.40 8.17
CA ASP B 144 -19.64 20.48 7.88
C ASP B 144 -19.94 21.13 6.54
N SER B 145 -18.92 21.49 5.75
CA SER B 145 -19.18 22.05 4.44
C SER B 145 -19.92 21.03 3.58
N ASP B 146 -20.62 21.54 2.57
CA ASP B 146 -21.30 20.71 1.60
C ASP B 146 -20.31 20.37 0.47
N TYR B 147 -20.04 19.07 0.29
CA TYR B 147 -19.13 18.60 -0.75
C TYR B 147 -19.83 17.76 -1.81
N SER B 148 -21.16 17.82 -1.87
CA SER B 148 -21.90 16.99 -2.82
C SER B 148 -21.41 17.20 -4.25
N GLY B 149 -21.12 16.08 -4.92
CA GLY B 149 -20.62 16.12 -6.28
C GLY B 149 -19.19 16.58 -6.44
N GLN B 150 -18.46 16.83 -5.36
CA GLN B 150 -17.07 17.26 -5.44
C GLN B 150 -16.13 16.08 -5.19
N GLY B 151 -15.05 16.01 -5.98
CA GLY B 151 -14.03 15.00 -5.79
C GLY B 151 -14.46 13.64 -6.30
N VAL B 152 -13.60 12.65 -6.09
CA VAL B 152 -13.81 11.29 -6.55
C VAL B 152 -14.45 10.48 -5.44
N ASP B 153 -15.59 9.85 -5.76
CA ASP B 153 -16.24 8.91 -4.83
C ASP B 153 -15.62 7.54 -5.05
N GLN B 154 -14.48 7.32 -4.39
CA GLN B 154 -13.75 6.07 -4.56
C GLN B 154 -14.56 4.87 -4.09
N LEU B 155 -15.32 5.04 -3.01
CA LEU B 155 -16.10 3.93 -2.47
C LEU B 155 -17.11 3.43 -3.50
N GLN B 156 -17.88 4.34 -4.09
CA GLN B 156 -18.85 3.92 -5.10
C GLN B 156 -18.16 3.40 -6.36
N LYS B 157 -17.00 3.96 -6.72
CA LYS B 157 -16.29 3.49 -7.92
C LYS B 157 -15.79 2.06 -7.74
N VAL B 158 -15.27 1.75 -6.55
CA VAL B 158 -14.87 0.37 -6.25
C VAL B 158 -16.07 -0.56 -6.40
N ILE B 159 -17.22 -0.17 -5.82
CA ILE B 159 -18.43 -0.98 -5.89
C ILE B 159 -18.85 -1.18 -7.35
N ASP B 160 -18.89 -0.10 -8.13
CA ASP B 160 -19.30 -0.22 -9.54
C ASP B 160 -18.37 -1.13 -10.32
N THR B 161 -17.05 -1.02 -10.10
CA THR B 161 -16.10 -1.85 -10.84
C THR B 161 -16.22 -3.32 -10.47
N ILE B 162 -16.39 -3.63 -9.18
CA ILE B 162 -16.51 -5.03 -8.79
C ILE B 162 -17.68 -5.69 -9.52
N LYS B 163 -18.75 -4.92 -9.76
CA LYS B 163 -19.94 -5.48 -10.42
C LYS B 163 -19.71 -5.67 -11.91
N THR B 164 -19.10 -4.70 -12.57
CA THR B 164 -19.02 -4.72 -14.03
C THR B 164 -17.74 -5.33 -14.57
N ASN B 165 -16.64 -5.32 -13.82
CA ASN B 165 -15.36 -5.84 -14.30
C ASN B 165 -14.57 -6.42 -13.13
N PRO B 166 -15.04 -7.54 -12.56
CA PRO B 166 -14.40 -8.08 -11.35
C PRO B 166 -12.96 -8.55 -11.54
N ASP B 167 -12.49 -8.71 -12.77
CA ASP B 167 -11.09 -9.06 -13.00
C ASP B 167 -10.16 -7.87 -12.80
N ASP B 168 -10.71 -6.68 -12.63
CA ASP B 168 -9.89 -5.47 -12.64
C ASP B 168 -8.81 -5.54 -11.58
N ARG B 169 -7.58 -5.23 -11.97
CA ARG B 169 -6.45 -5.20 -11.05
C ARG B 169 -6.17 -3.80 -10.49
N ARG B 170 -7.10 -2.85 -10.69
CA ARG B 170 -6.97 -1.46 -10.26
C ARG B 170 -8.06 -1.05 -9.29
N ILE B 171 -8.69 -2.00 -8.60
CA ILE B 171 -9.79 -1.67 -7.70
C ILE B 171 -9.23 -1.18 -6.37
N ILE B 172 -8.96 0.12 -6.28
CA ILE B 172 -8.27 0.68 -5.13
C ILE B 172 -9.03 1.88 -4.56
N MET B 173 -9.01 1.98 -3.23
CA MET B 173 -9.49 3.14 -2.50
C MET B 173 -8.31 3.66 -1.70
N CYS B 174 -7.93 4.91 -1.94
CA CYS B 174 -6.71 5.46 -1.39
C CYS B 174 -7.07 6.63 -0.48
N ALA B 175 -6.72 6.51 0.80
CA ALA B 175 -6.95 7.61 1.75
C ALA B 175 -5.74 8.51 1.90
N TRP B 176 -4.57 8.06 1.45
CA TRP B 176 -3.36 8.87 1.52
C TRP B 176 -3.41 9.93 0.43
N ASN B 177 -3.48 11.21 0.82
CA ASN B 177 -3.64 12.32 -0.13
C ASN B 177 -2.58 13.36 0.20
N PRO B 178 -1.40 13.27 -0.44
CA PRO B 178 -0.29 14.19 -0.10
C PRO B 178 -0.67 15.66 -0.10
N LYS B 179 -1.59 16.07 -0.96
CA LYS B 179 -1.95 17.48 -1.02
C LYS B 179 -2.64 17.91 0.26
N ASP B 180 -3.42 17.03 0.87
CA ASP B 180 -4.22 17.32 2.06
C ASP B 180 -3.56 16.98 3.38
N LEU B 181 -2.46 16.22 3.39
CA LEU B 181 -1.86 15.82 4.65
C LEU B 181 -1.70 16.96 5.64
N PRO B 182 -1.28 18.17 5.25
CA PRO B 182 -1.09 19.23 6.24
C PRO B 182 -2.37 19.63 6.99
N LEU B 183 -3.56 19.25 6.50
CA LEU B 183 -4.80 19.60 7.17
C LEU B 183 -5.32 18.51 8.08
N MET B 184 -4.73 17.31 8.05
CA MET B 184 -5.27 16.20 8.82
C MET B 184 -4.78 16.24 10.26
N ALA B 185 -5.71 16.01 11.20
CA ALA B 185 -5.32 15.85 12.59
C ALA B 185 -4.39 14.65 12.76
N LEU B 186 -4.64 13.60 12.01
CA LEU B 186 -3.77 12.44 11.98
C LEU B 186 -3.78 11.91 10.54
N PRO B 187 -2.65 11.93 9.84
CA PRO B 187 -2.61 11.30 8.53
C PRO B 187 -3.06 9.86 8.65
N PRO B 188 -3.77 9.34 7.65
CA PRO B 188 -4.39 8.02 7.82
C PRO B 188 -3.35 6.92 7.99
N CYS B 189 -3.63 6.03 8.95
CA CYS B 189 -2.81 4.84 9.12
C CYS B 189 -3.08 3.81 8.05
N HIS B 190 -4.29 3.82 7.50
CA HIS B 190 -4.69 2.90 6.43
C HIS B 190 -4.58 3.70 5.14
N ALA B 191 -3.39 3.62 4.53
CA ALA B 191 -3.10 4.45 3.38
C ALA B 191 -3.98 4.10 2.20
N LEU B 192 -4.23 2.81 2.00
CA LEU B 192 -5.09 2.42 0.88
C LEU B 192 -5.50 0.96 1.07
N CYS B 193 -6.46 0.54 0.26
CA CYS B 193 -6.84 -0.86 0.19
C CYS B 193 -7.19 -1.19 -1.26
N GLN B 194 -7.13 -2.46 -1.58
CA GLN B 194 -7.39 -2.97 -2.91
C GLN B 194 -8.36 -4.14 -2.79
N PHE B 195 -9.26 -4.26 -3.76
CA PHE B 195 -10.17 -5.38 -3.79
C PHE B 195 -9.86 -6.26 -4.98
N TYR B 196 -10.24 -7.52 -4.87
CA TYR B 196 -9.83 -8.57 -5.78
C TYR B 196 -10.95 -9.60 -5.82
N VAL B 197 -11.30 -10.06 -7.01
CA VAL B 197 -12.36 -11.04 -7.18
C VAL B 197 -11.85 -12.21 -8.00
N VAL B 198 -12.05 -13.41 -7.47
CA VAL B 198 -11.86 -14.63 -8.25
C VAL B 198 -12.82 -15.67 -7.69
N ASN B 199 -13.39 -16.48 -8.58
CA ASN B 199 -14.23 -17.58 -8.15
C ASN B 199 -15.40 -17.07 -7.30
N GLY B 200 -15.98 -15.95 -7.71
CA GLY B 200 -17.12 -15.42 -6.98
C GLY B 200 -16.83 -14.98 -5.55
N GLU B 201 -15.56 -14.86 -5.19
CA GLU B 201 -15.16 -14.44 -3.84
C GLU B 201 -14.49 -13.07 -3.90
N LEU B 202 -14.86 -12.21 -2.95
CA LEU B 202 -14.29 -10.87 -2.85
C LEU B 202 -13.26 -10.82 -1.73
N SER B 203 -12.02 -10.49 -2.08
CA SER B 203 -10.94 -10.31 -1.12
C SER B 203 -10.54 -8.84 -1.02
N CYS B 204 -9.88 -8.50 0.08
CA CYS B 204 -9.44 -7.14 0.33
C CYS B 204 -8.05 -7.17 0.94
N GLN B 205 -7.17 -6.29 0.46
CA GLN B 205 -5.87 -6.11 1.09
C GLN B 205 -5.77 -4.68 1.57
N LEU B 206 -5.37 -4.52 2.83
CA LEU B 206 -5.13 -3.23 3.45
C LEU B 206 -3.64 -2.96 3.57
N TYR B 207 -3.21 -1.79 3.13
CA TYR B 207 -1.87 -1.31 3.45
C TYR B 207 -1.95 -0.33 4.62
N GLN B 208 -1.52 -0.78 5.79
CA GLN B 208 -1.50 0.03 7.00
C GLN B 208 -0.04 0.46 7.24
N ARG B 209 0.21 1.77 7.14
CA ARG B 209 1.57 2.29 7.26
C ARG B 209 2.13 2.17 8.67
N SER B 210 1.25 2.11 9.68
CA SER B 210 1.66 2.17 11.08
C SER B 210 0.63 1.39 11.89
N GLY B 211 1.08 0.41 12.65
CA GLY B 211 0.15 -0.44 13.37
C GLY B 211 0.45 -0.58 14.85
N ASP B 212 -0.39 0.01 15.68
CA ASP B 212 -0.38 -0.20 17.14
C ASP B 212 -0.95 -1.59 17.39
N MET B 213 -0.07 -2.55 17.64
CA MET B 213 -0.50 -3.94 17.70
C MET B 213 -1.49 -4.19 18.83
N GLY B 214 -1.35 -3.48 19.95
CA GLY B 214 -2.20 -3.70 21.11
C GLY B 214 -3.58 -3.08 21.00
N LEU B 215 -3.65 -1.85 20.48
CA LEU B 215 -4.88 -1.10 20.45
C LEU B 215 -5.51 -1.13 19.06
N GLY B 216 -4.87 -0.49 18.08
CA GLY B 216 -5.52 -0.28 16.79
C GLY B 216 -5.68 -1.53 15.96
N VAL B 217 -4.64 -2.37 15.90
CA VAL B 217 -4.61 -3.44 14.90
C VAL B 217 -5.80 -4.39 15.03
N PRO B 218 -6.13 -4.92 16.20
CA PRO B 218 -7.33 -5.77 16.30
C PRO B 218 -8.59 -5.08 15.81
N PHE B 219 -8.73 -3.82 16.19
CA PHE B 219 -9.80 -2.96 15.72
C PHE B 219 -9.79 -2.85 14.20
N ASN B 220 -8.61 -2.56 13.61
CA ASN B 220 -8.52 -2.33 12.17
C ASN B 220 -8.81 -3.60 11.39
N ILE B 221 -8.38 -4.76 11.90
CA ILE B 221 -8.66 -6.01 11.22
C ILE B 221 -10.17 -6.22 11.10
N ALA B 222 -10.90 -6.01 12.21
CA ALA B 222 -12.34 -6.15 12.17
C ALA B 222 -12.95 -5.14 11.21
N SER B 223 -12.42 -3.92 11.21
CA SER B 223 -12.96 -2.85 10.37
C SER B 223 -12.96 -3.24 8.90
N TYR B 224 -11.83 -3.74 8.39
CA TYR B 224 -11.76 -4.03 6.96
C TYR B 224 -12.39 -5.37 6.63
N ALA B 225 -12.44 -6.30 7.59
CA ALA B 225 -13.27 -7.48 7.41
C ALA B 225 -14.73 -7.10 7.23
N LEU B 226 -15.22 -6.16 8.05
CA LEU B 226 -16.60 -5.71 7.90
C LEU B 226 -16.83 -5.04 6.56
N LEU B 227 -15.91 -4.15 6.16
CA LEU B 227 -16.07 -3.46 4.88
C LEU B 227 -16.20 -4.46 3.75
N THR B 228 -15.42 -5.54 3.80
CA THR B 228 -15.50 -6.55 2.75
C THR B 228 -16.83 -7.28 2.77
N TYR B 229 -17.34 -7.59 3.96
CA TYR B 229 -18.67 -8.21 4.06
C TYR B 229 -19.73 -7.30 3.46
N MET B 230 -19.66 -6.00 3.77
CA MET B 230 -20.67 -5.07 3.27
C MET B 230 -20.64 -4.99 1.75
N ILE B 231 -19.43 -4.88 1.18
CA ILE B 231 -19.32 -4.74 -0.27
C ILE B 231 -19.64 -6.06 -0.95
N ALA B 232 -19.25 -7.18 -0.35
CA ALA B 232 -19.62 -8.48 -0.94
C ALA B 232 -21.14 -8.63 -0.99
N HIS B 233 -21.82 -8.22 0.07
CA HIS B 233 -23.29 -8.25 0.10
C HIS B 233 -23.87 -7.39 -1.01
N ILE B 234 -23.35 -6.17 -1.16
CA ILE B 234 -23.88 -5.24 -2.15
C ILE B 234 -23.64 -5.74 -3.57
N THR B 235 -22.58 -6.52 -3.79
CA THR B 235 -22.21 -6.94 -5.15
C THR B 235 -22.60 -8.37 -5.46
N GLY B 236 -23.28 -9.06 -4.55
CA GLY B 236 -23.71 -10.43 -4.82
C GLY B 236 -22.59 -11.43 -4.81
N LEU B 237 -21.53 -11.16 -4.07
CA LEU B 237 -20.38 -12.05 -3.96
C LEU B 237 -20.24 -12.56 -2.54
N GLN B 238 -19.32 -13.52 -2.36
CA GLN B 238 -19.03 -14.08 -1.06
C GLN B 238 -17.71 -13.54 -0.55
N PRO B 239 -17.58 -13.28 0.76
CA PRO B 239 -16.29 -12.83 1.29
C PRO B 239 -15.23 -13.90 1.10
N GLY B 240 -14.03 -13.46 0.72
CA GLY B 240 -12.91 -14.37 0.52
C GLY B 240 -11.86 -14.23 1.60
N ASP B 241 -10.82 -13.45 1.32
CA ASP B 241 -9.74 -13.19 2.26
C ASP B 241 -9.67 -11.70 2.57
N PHE B 242 -9.20 -11.39 3.77
CA PHE B 242 -8.67 -10.09 4.12
C PHE B 242 -7.18 -10.20 4.34
N VAL B 243 -6.39 -9.52 3.51
CA VAL B 243 -4.94 -9.54 3.62
C VAL B 243 -4.52 -8.28 4.36
N HIS B 244 -3.88 -8.47 5.51
CA HIS B 244 -3.41 -7.35 6.32
C HIS B 244 -1.91 -7.18 6.14
N THR B 245 -1.51 -6.05 5.57
CA THR B 245 -0.11 -5.72 5.34
C THR B 245 0.28 -4.54 6.23
N LEU B 246 1.40 -4.67 6.93
CA LEU B 246 1.86 -3.64 7.84
C LEU B 246 3.18 -3.03 7.38
N GLY B 247 3.29 -1.71 7.55
CA GLY B 247 4.57 -1.02 7.50
C GLY B 247 5.26 -1.09 8.85
N ASP B 248 5.17 -0.01 9.65
CA ASP B 248 5.76 -0.01 10.99
C ASP B 248 4.79 -0.69 11.94
N ALA B 249 4.99 -1.98 12.13
CA ALA B 249 4.26 -2.76 13.12
C ALA B 249 5.01 -2.65 14.45
N HIS B 250 4.36 -2.10 15.46
CA HIS B 250 5.04 -1.78 16.70
C HIS B 250 4.19 -2.12 17.90
N ILE B 251 4.87 -2.39 19.00
CA ILE B 251 4.26 -2.56 20.31
C ILE B 251 4.76 -1.41 21.18
N TYR B 252 3.83 -0.59 21.66
CA TYR B 252 4.24 0.45 22.59
C TYR B 252 4.81 -0.17 23.85
N LEU B 253 5.76 0.53 24.46
CA LEU B 253 6.45 -0.03 25.62
C LEU B 253 5.49 -0.28 26.79
N ASN B 254 4.46 0.55 26.96
CA ASN B 254 3.53 0.33 28.06
C ASN B 254 2.44 -0.66 27.70
N HIS B 255 2.60 -1.42 26.60
CA HIS B 255 1.70 -2.50 26.24
C HIS B 255 2.34 -3.88 26.39
N ILE B 256 3.60 -3.95 26.82
CA ILE B 256 4.32 -5.22 26.81
C ILE B 256 3.70 -6.19 27.80
N GLU B 257 3.47 -5.75 29.04
CA GLU B 257 2.86 -6.64 30.03
C GLU B 257 1.46 -7.07 29.62
N PRO B 258 0.56 -6.18 29.26
CA PRO B 258 -0.77 -6.64 28.78
C PRO B 258 -0.66 -7.64 27.64
N LEU B 259 0.20 -7.37 26.65
CA LEU B 259 0.28 -8.29 25.52
C LEU B 259 0.94 -9.60 25.92
N LYS B 260 1.90 -9.57 26.84
CA LYS B 260 2.48 -10.81 27.34
C LYS B 260 1.43 -11.67 28.02
N ILE B 261 0.45 -11.03 28.68
CA ILE B 261 -0.69 -11.76 29.22
C ILE B 261 -1.55 -12.34 28.10
N GLN B 262 -1.80 -11.54 27.05
CA GLN B 262 -2.72 -11.96 26.01
C GLN B 262 -2.21 -13.17 25.25
N LEU B 263 -0.89 -13.28 25.05
CA LEU B 263 -0.35 -14.41 24.31
C LEU B 263 -0.56 -15.74 25.03
N GLN B 264 -0.79 -15.71 26.34
CA GLN B 264 -0.93 -16.95 27.08
C GLN B 264 -2.32 -17.55 26.98
N ARG B 265 -3.27 -16.84 26.37
CA ARG B 265 -4.65 -17.29 26.27
C ARG B 265 -4.88 -18.08 25.00
N GLU B 266 -5.77 -19.07 25.07
CA GLU B 266 -5.87 -19.69 23.77
C GLU B 266 -7.04 -19.12 22.98
N PRO B 267 -6.88 -18.95 21.68
CA PRO B 267 -7.99 -18.42 20.86
C PRO B 267 -9.14 -19.41 20.83
N ARG B 268 -10.32 -18.87 20.83
CA ARG B 268 -11.55 -19.60 20.59
C ARG B 268 -12.00 -19.41 19.15
N PRO B 269 -12.74 -20.35 18.57
CA PRO B 269 -13.18 -20.20 17.18
C PRO B 269 -13.76 -18.82 16.93
N PHE B 270 -13.46 -18.28 15.75
CA PHE B 270 -13.94 -16.95 15.40
C PHE B 270 -15.47 -16.93 15.37
N PRO B 271 -16.08 -15.81 15.74
CA PRO B 271 -17.54 -15.70 15.65
C PRO B 271 -17.97 -15.62 14.19
N LYS B 272 -19.27 -15.47 13.95
CA LYS B 272 -19.77 -15.25 12.60
C LYS B 272 -20.46 -13.89 12.53
N LEU B 273 -20.48 -13.31 11.33
CA LEU B 273 -21.18 -12.06 11.07
C LEU B 273 -22.42 -12.36 10.25
N LYS B 274 -23.57 -11.88 10.73
CA LYS B 274 -24.83 -12.02 10.02
C LYS B 274 -25.31 -10.65 9.58
N ILE B 275 -25.79 -10.58 8.35
CA ILE B 275 -26.42 -9.38 7.82
C ILE B 275 -27.91 -9.66 7.71
N LEU B 276 -28.70 -8.92 8.50
CA LEU B 276 -30.08 -9.27 8.80
C LEU B 276 -31.09 -8.80 7.77
N ARG B 277 -30.65 -8.15 6.71
CA ARG B 277 -31.57 -7.65 5.69
C ARG B 277 -30.83 -7.62 4.36
N LYS B 278 -31.60 -7.56 3.27
CA LYS B 278 -31.02 -7.38 1.94
C LYS B 278 -30.84 -5.89 1.69
N VAL B 279 -29.59 -5.46 1.51
CA VAL B 279 -29.29 -4.06 1.29
C VAL B 279 -28.81 -3.87 -0.14
N GLU B 280 -29.22 -2.76 -0.77
CA GLU B 280 -28.92 -2.52 -2.17
C GLU B 280 -27.76 -1.56 -2.40
N THR B 281 -27.54 -0.61 -1.49
CA THR B 281 -26.49 0.37 -1.64
C THR B 281 -25.70 0.49 -0.35
N ILE B 282 -24.40 0.78 -0.48
CA ILE B 282 -23.53 0.86 0.69
C ILE B 282 -24.06 1.88 1.68
N ASP B 283 -24.68 2.95 1.19
CA ASP B 283 -25.14 4.02 2.07
C ASP B 283 -26.33 3.62 2.93
N ASP B 284 -27.06 2.57 2.58
CA ASP B 284 -28.28 2.21 3.29
C ASP B 284 -28.03 1.28 4.47
N PHE B 285 -26.80 0.81 4.65
CA PHE B 285 -26.50 0.01 5.83
C PHE B 285 -26.73 0.81 7.10
N LYS B 286 -27.28 0.14 8.10
CA LYS B 286 -27.51 0.73 9.41
C LYS B 286 -27.06 -0.26 10.47
N VAL B 287 -26.76 0.25 11.66
CA VAL B 287 -26.18 -0.60 12.70
C VAL B 287 -27.03 -1.86 12.88
N GLU B 288 -28.36 -1.71 12.85
CA GLU B 288 -29.24 -2.83 13.16
C GLU B 288 -29.16 -3.96 12.14
N ASP B 289 -28.53 -3.75 10.99
CA ASP B 289 -28.47 -4.80 9.99
C ASP B 289 -27.42 -5.86 10.29
N PHE B 290 -26.66 -5.71 11.37
CA PHE B 290 -25.51 -6.58 11.65
C PHE B 290 -25.66 -7.27 13.01
N GLN B 291 -25.22 -8.52 13.06
CA GLN B 291 -25.25 -9.29 14.29
C GLN B 291 -24.06 -10.24 14.32
N ILE B 292 -23.27 -10.14 15.37
CA ILE B 292 -22.13 -11.04 15.59
C ILE B 292 -22.62 -12.26 16.37
N GLU B 293 -22.36 -13.45 15.84
CA GLU B 293 -22.81 -14.69 16.46
C GLU B 293 -21.64 -15.52 16.98
N GLY B 294 -21.81 -16.08 18.17
CA GLY B 294 -20.84 -17.01 18.71
C GLY B 294 -19.54 -16.40 19.17
N TYR B 295 -19.56 -15.15 19.63
CA TYR B 295 -18.35 -14.44 20.03
C TYR B 295 -18.13 -14.64 21.52
N ASN B 296 -17.12 -15.42 21.89
CA ASN B 296 -16.82 -15.74 23.28
C ASN B 296 -15.37 -15.38 23.56
N PRO B 297 -15.06 -14.10 23.66
CA PRO B 297 -13.68 -13.68 23.87
C PRO B 297 -13.23 -13.87 25.31
N HIS B 298 -11.91 -13.91 25.49
CA HIS B 298 -11.34 -13.77 26.80
C HIS B 298 -11.62 -12.36 27.30
N PRO B 299 -11.34 -12.09 28.57
CA PRO B 299 -11.65 -10.77 29.12
C PRO B 299 -10.88 -9.64 28.43
N THR B 300 -11.44 -8.44 28.56
CA THR B 300 -10.79 -7.22 28.10
C THR B 300 -9.43 -7.01 28.77
N ILE B 301 -8.50 -6.40 28.03
CA ILE B 301 -7.19 -6.01 28.55
C ILE B 301 -7.03 -4.51 28.30
N LYS B 302 -6.87 -3.76 29.39
CA LYS B 302 -6.76 -2.31 29.29
C LYS B 302 -5.39 -1.91 28.75
N MET B 303 -5.37 -1.04 27.73
CA MET B 303 -4.13 -0.54 27.16
C MET B 303 -4.29 0.94 26.84
N GLU B 304 -3.42 1.78 27.40
CA GLU B 304 -3.52 3.22 27.23
C GLU B 304 -3.15 3.62 25.80
N MET B 305 -3.80 4.65 25.30
CA MET B 305 -3.57 5.13 23.95
C MET B 305 -2.46 6.17 23.98
N ALA B 306 -1.40 5.93 23.22
CA ALA B 306 -0.33 6.91 23.10
C ALA B 306 -0.83 8.09 22.27
N VAL B 307 -0.73 9.29 22.85
CA VAL B 307 -1.19 10.49 22.17
C VAL B 307 0.00 11.42 21.95
#